data_5HPK
#
_entry.id   5HPK
#
_cell.length_a   151.306
_cell.length_b   151.306
_cell.length_c   85.952
_cell.angle_alpha   90.00
_cell.angle_beta   90.00
_cell.angle_gamma   90.00
#
_symmetry.space_group_name_H-M   'P 4 21 2'
#
loop_
_entity.id
_entity.type
_entity.pdbx_description
1 polymer 'E3 ubiquitin-protein ligase NEDD4-like'
2 polymer 'Ubiquitin variant NL.1'
3 water water
#
loop_
_entity_poly.entity_id
_entity_poly.type
_entity_poly.pdbx_seq_one_letter_code
_entity_poly.pdbx_strand_id
1 'polypeptide(L)'
;GSREFKQKYDYFRKKLKKPADIPNRFEMKLHRNNIFEESYRRIMSVKRPDVLKARLWIEFESEKGLDYGGVAREWFFLLS
KEMFNPYYGLFEYSATDNYTLQINPNSGLCNEDHLSYFTFIGRVAGLAVFHGKLLDGFFIRPFYKMMLGKQITLNDMESV
DSEYYNSLKWILENDPTELDLMFCIDEENFGQTYQVDLKPNGSEIMVTNENKREYIDLVIQWRFVNRVQKQMNAFLEGFT
ELLPIDLIKIFDENELELLMCGLGDVDVNDWRQHSIYKNGYCPNHPVIQWFWKAVLLMDAEKRIRLLQFVTGTSRVPMNG
FAELYGSNGPQLFTIEQWGSPEKLPRAHTCFNRLDLPPYETFEDLREKLLMAVENAQGFEGVD
;
A
2 'polypeptide(L)'
;MGHHHHHHMRIFVRTPTRKTITLEVEPSDTIENVKAKIQDKEGIPPDQQVLIFAGNRLEDGRTLSDYNIPKESTLYLFMR
LRGLEN
;
B
#
# COMPACT_ATOMS: atom_id res chain seq x y z
N GLY A 1 -9.71 3.45 20.77
CA GLY A 1 -10.54 3.34 21.96
C GLY A 1 -10.60 1.94 22.53
N SER A 2 -11.04 0.99 21.69
CA SER A 2 -10.94 -0.49 21.88
C SER A 2 -11.95 -1.05 22.86
N ARG A 3 -12.30 -0.23 23.82
CA ARG A 3 -13.30 -0.63 24.76
C ARG A 3 -14.68 -0.56 24.11
N GLU A 4 -14.92 0.49 23.33
CA GLU A 4 -16.19 0.63 22.61
C GLU A 4 -16.22 -0.24 21.38
N PHE A 5 -15.05 -0.56 20.86
CA PHE A 5 -15.00 -1.39 19.69
C PHE A 5 -15.55 -2.77 20.08
N LYS A 6 -15.18 -3.28 21.25
CA LYS A 6 -15.58 -4.64 21.59
C LYS A 6 -17.09 -4.77 21.83
N GLN A 7 -17.69 -3.74 22.41
CA GLN A 7 -19.12 -3.76 22.65
C GLN A 7 -19.91 -3.73 21.33
N LYS A 8 -19.53 -2.80 20.45
CA LYS A 8 -20.13 -2.69 19.15
C LYS A 8 -19.90 -3.94 18.32
N TYR A 9 -18.71 -4.49 18.48
CA TYR A 9 -18.31 -5.63 17.65
C TYR A 9 -19.15 -6.86 17.97
N ASP A 10 -19.39 -7.12 19.25
CA ASP A 10 -20.19 -8.25 19.65
C ASP A 10 -21.62 -8.09 19.18
N TYR A 11 -22.09 -6.85 19.18
CA TYR A 11 -23.39 -6.52 18.63
C TYR A 11 -23.44 -6.74 17.13
N PHE A 12 -22.40 -6.27 16.44
CA PHE A 12 -22.24 -6.44 15.00
C PHE A 12 -22.29 -7.90 14.58
N ARG A 13 -21.50 -8.75 15.23
CA ARG A 13 -21.45 -10.17 14.87
C ARG A 13 -22.79 -10.86 15.11
N LYS A 14 -23.50 -10.47 16.15
CA LYS A 14 -24.75 -11.14 16.44
C LYS A 14 -25.80 -10.80 15.40
N LYS A 15 -25.68 -9.62 14.77
CA LYS A 15 -26.66 -9.19 13.79
C LYS A 15 -26.40 -9.73 12.39
N LEU A 16 -25.15 -10.09 12.10
CA LEU A 16 -24.81 -10.71 10.83
C LEU A 16 -25.53 -12.03 10.68
N LYS A 17 -26.08 -12.27 9.50
CA LYS A 17 -26.86 -13.48 9.26
C LYS A 17 -26.32 -14.31 8.11
N LYS A 18 -26.10 -15.60 8.40
CA LYS A 18 -25.86 -16.67 7.42
C LYS A 18 -27.20 -17.16 6.87
N PRO A 19 -27.44 -17.02 5.55
CA PRO A 19 -28.70 -17.54 5.03
C PRO A 19 -28.72 -19.06 5.12
N ALA A 20 -29.91 -19.66 5.20
CA ALA A 20 -30.00 -21.10 5.44
C ALA A 20 -29.91 -21.92 4.16
N ASP A 21 -30.13 -21.26 3.01
CA ASP A 21 -30.20 -21.96 1.75
C ASP A 21 -28.95 -21.80 0.89
N ILE A 22 -27.79 -21.94 1.51
CA ILE A 22 -26.54 -22.00 0.76
C ILE A 22 -25.86 -23.30 1.12
N PRO A 23 -24.93 -23.77 0.28
CA PRO A 23 -24.16 -24.95 0.68
C PRO A 23 -23.46 -24.67 1.99
N ASN A 24 -23.06 -25.72 2.68
CA ASN A 24 -22.46 -25.54 3.98
C ASN A 24 -20.97 -25.35 3.89
N ARG A 25 -20.48 -25.34 2.67
CA ARG A 25 -19.09 -25.09 2.46
C ARG A 25 -18.82 -24.36 1.19
N PHE A 26 -17.85 -23.47 1.27
CA PHE A 26 -17.35 -22.85 0.07
C PHE A 26 -15.96 -23.35 -0.19
N GLU A 27 -15.81 -24.19 -1.22
CA GLU A 27 -14.52 -24.82 -1.52
C GLU A 27 -13.70 -24.08 -2.57
N MET A 28 -12.40 -23.97 -2.30
CA MET A 28 -11.44 -23.44 -3.26
C MET A 28 -10.23 -24.34 -3.30
N LYS A 29 -9.76 -24.65 -4.50
CA LYS A 29 -8.48 -25.32 -4.65
C LYS A 29 -7.58 -24.40 -5.43
N LEU A 30 -6.40 -24.15 -4.91
CA LEU A 30 -5.57 -23.05 -5.42
C LEU A 30 -4.10 -23.41 -5.46
N HIS A 31 -3.34 -22.71 -6.31
CA HIS A 31 -1.89 -22.78 -6.23
C HIS A 31 -1.35 -21.48 -5.68
N ARG A 32 -0.56 -21.57 -4.64
CA ARG A 32 0.11 -20.39 -4.09
C ARG A 32 0.73 -19.44 -5.12
N ASN A 33 1.25 -19.96 -6.22
CA ASN A 33 1.95 -19.09 -7.16
C ASN A 33 1.00 -18.43 -8.15
N ASN A 34 -0.28 -18.70 -8.00
CA ASN A 34 -1.27 -18.05 -8.83
C ASN A 34 -2.48 -17.64 -8.00
N ILE A 35 -2.24 -17.37 -6.71
CA ILE A 35 -3.34 -17.22 -5.74
C ILE A 35 -4.33 -16.10 -6.09
N PHE A 36 -3.82 -14.97 -6.58
CA PHE A 36 -4.64 -13.82 -6.95
C PHE A 36 -5.65 -14.13 -8.05
N GLU A 37 -5.16 -14.55 -9.21
CA GLU A 37 -6.02 -14.79 -10.38
C GLU A 37 -6.97 -15.95 -10.16
N GLU A 38 -6.52 -16.98 -9.45
CA GLU A 38 -7.41 -18.10 -9.18
C GLU A 38 -8.50 -17.73 -8.18
N SER A 39 -8.16 -17.00 -7.11
CA SER A 39 -9.19 -16.65 -6.14
C SER A 39 -10.18 -15.70 -6.79
N TYR A 40 -9.65 -14.85 -7.67
CA TYR A 40 -10.48 -13.92 -8.42
C TYR A 40 -11.53 -14.62 -9.31
N ARG A 41 -11.11 -15.59 -10.11
CA ARG A 41 -12.02 -16.35 -10.98
C ARG A 41 -13.05 -17.14 -10.20
N ARG A 42 -12.60 -17.78 -9.12
CA ARG A 42 -13.50 -18.58 -8.34
C ARG A 42 -14.59 -17.73 -7.71
N ILE A 43 -14.17 -16.66 -7.04
CA ILE A 43 -15.10 -15.80 -6.30
C ILE A 43 -15.94 -14.88 -7.18
N MET A 44 -15.40 -14.37 -8.27
CA MET A 44 -16.16 -13.49 -9.13
C MET A 44 -17.07 -14.24 -10.12
N SER A 45 -16.94 -15.57 -10.17
CA SER A 45 -17.82 -16.37 -11.03
C SER A 45 -19.06 -16.93 -10.33
N VAL A 46 -19.19 -16.77 -9.02
CA VAL A 46 -20.35 -17.35 -8.37
C VAL A 46 -21.60 -16.58 -8.80
N LYS A 47 -22.71 -17.28 -8.88
CA LYS A 47 -23.96 -16.65 -9.27
C LYS A 47 -24.51 -15.88 -8.11
N ARG A 48 -24.17 -16.32 -6.91
CA ARG A 48 -24.80 -15.80 -5.74
C ARG A 48 -23.76 -15.51 -4.65
N PRO A 49 -23.43 -14.23 -4.44
CA PRO A 49 -22.40 -13.87 -3.47
C PRO A 49 -22.61 -14.43 -2.05
N ASP A 50 -23.86 -14.68 -1.65
CA ASP A 50 -24.13 -15.16 -0.30
C ASP A 50 -23.57 -16.55 0.02
N VAL A 51 -23.10 -17.27 -0.98
CA VAL A 51 -22.51 -18.58 -0.74
C VAL A 51 -21.12 -18.40 -0.18
N LEU A 52 -20.60 -17.19 -0.30
CA LEU A 52 -19.33 -16.85 0.30
C LEU A 52 -19.48 -16.83 1.84
N LYS A 53 -20.71 -16.77 2.32
CA LYS A 53 -20.91 -16.69 3.77
C LYS A 53 -20.72 -18.04 4.45
N ALA A 54 -20.58 -19.12 3.70
CA ALA A 54 -20.44 -20.41 4.35
C ALA A 54 -19.03 -20.63 4.84
N ARG A 55 -18.83 -21.71 5.57
CA ARG A 55 -17.51 -22.13 6.00
C ARG A 55 -16.56 -22.30 4.82
N LEU A 56 -15.39 -21.69 4.94
CA LEU A 56 -14.38 -21.76 3.89
C LEU A 56 -13.56 -23.05 3.98
N TRP A 57 -13.59 -23.87 2.94
CA TRP A 57 -12.70 -25.02 2.86
C TRP A 57 -11.77 -24.82 1.68
N ILE A 58 -10.50 -24.54 1.99
CA ILE A 58 -9.55 -24.07 1.02
C ILE A 58 -8.37 -25.04 0.99
N GLU A 59 -7.90 -25.38 -0.20
CA GLU A 59 -6.74 -26.27 -0.33
C GLU A 59 -5.70 -25.71 -1.27
N PHE A 60 -4.45 -25.66 -0.82
CA PHE A 60 -3.36 -25.38 -1.73
C PHE A 60 -2.76 -26.70 -2.20
N GLU A 61 -2.85 -26.96 -3.50
CA GLU A 61 -2.13 -28.06 -4.12
C GLU A 61 -2.40 -29.41 -3.47
N ASP A 67 -5.55 -28.41 8.85
CA ASP A 67 -6.61 -27.63 9.47
C ASP A 67 -7.16 -26.67 8.45
N TYR A 68 -8.47 -26.55 8.39
CA TYR A 68 -9.10 -25.67 7.43
C TYR A 68 -9.11 -24.22 7.84
N GLY A 69 -9.25 -23.96 9.13
CA GLY A 69 -9.23 -22.61 9.63
C GLY A 69 -7.82 -22.04 9.50
N GLY A 70 -6.84 -22.93 9.47
CA GLY A 70 -5.46 -22.55 9.39
C GLY A 70 -5.05 -22.29 7.96
N VAL A 71 -5.62 -23.05 7.04
CA VAL A 71 -5.37 -22.81 5.63
C VAL A 71 -6.10 -21.54 5.22
N ALA A 72 -7.27 -21.30 5.81
CA ALA A 72 -8.03 -20.07 5.58
C ALA A 72 -7.26 -18.84 6.06
N ARG A 73 -6.59 -18.96 7.20
CA ARG A 73 -5.75 -17.88 7.68
C ARG A 73 -4.63 -17.62 6.66
N GLU A 74 -3.98 -18.68 6.22
CA GLU A 74 -2.89 -18.55 5.27
C GLU A 74 -3.38 -17.91 3.97
N TRP A 75 -4.60 -18.24 3.58
CA TRP A 75 -5.16 -17.73 2.34
C TRP A 75 -5.42 -16.23 2.38
N PHE A 76 -6.01 -15.78 3.49
CA PHE A 76 -6.27 -14.38 3.71
C PHE A 76 -4.97 -13.62 3.67
N PHE A 77 -3.93 -14.18 4.26
CA PHE A 77 -2.67 -13.47 4.31
C PHE A 77 -1.99 -13.41 2.96
N LEU A 78 -1.87 -14.56 2.33
CA LEU A 78 -1.19 -14.64 1.05
C LEU A 78 -1.94 -13.85 -0.03
N LEU A 79 -3.27 -13.86 0.00
CA LEU A 79 -4.03 -13.10 -0.98
C LEU A 79 -3.93 -11.59 -0.72
N SER A 80 -3.72 -11.18 0.53
CA SER A 80 -3.59 -9.75 0.83
C SER A 80 -2.31 -9.21 0.21
N LYS A 81 -1.23 -9.96 0.32
CA LYS A 81 0.01 -9.58 -0.33
C LYS A 81 -0.16 -9.31 -1.83
N GLU A 82 -1.08 -9.99 -2.50
CA GLU A 82 -1.26 -9.75 -3.92
C GLU A 82 -2.29 -8.66 -4.19
N MET A 83 -3.41 -8.70 -3.47
CA MET A 83 -4.44 -7.68 -3.62
C MET A 83 -3.91 -6.28 -3.33
N PHE A 84 -2.94 -6.22 -2.41
CA PHE A 84 -2.35 -4.97 -1.99
C PHE A 84 -0.93 -4.85 -2.51
N ASN A 85 -0.69 -5.51 -3.63
CA ASN A 85 0.57 -5.38 -4.37
C ASN A 85 0.47 -4.28 -5.40
N PRO A 86 1.27 -3.22 -5.24
CA PRO A 86 1.14 -2.09 -6.18
C PRO A 86 1.57 -2.41 -7.59
N TYR A 87 2.21 -3.56 -7.82
CA TYR A 87 2.68 -3.89 -9.16
C TYR A 87 1.50 -3.96 -10.14
N TYR A 88 0.32 -4.34 -9.66
CA TYR A 88 -0.83 -4.53 -10.53
C TYR A 88 -1.48 -3.22 -10.89
N GLY A 89 -1.04 -2.14 -10.26
CA GLY A 89 -1.58 -0.84 -10.57
C GLY A 89 -2.96 -0.49 -10.05
N LEU A 90 -3.52 -1.34 -9.19
CA LEU A 90 -4.80 -1.02 -8.55
C LEU A 90 -4.61 -0.07 -7.37
N PHE A 91 -3.64 -0.37 -6.53
CA PHE A 91 -3.26 0.52 -5.45
C PHE A 91 -1.85 1.02 -5.68
N GLU A 92 -1.52 2.13 -5.04
CA GLU A 92 -0.21 2.73 -5.14
C GLU A 92 0.17 3.33 -3.79
N TYR A 93 1.46 3.44 -3.51
CA TYR A 93 1.92 4.17 -2.33
C TYR A 93 1.41 5.60 -2.33
N SER A 94 1.05 6.11 -1.16
CA SER A 94 0.39 7.39 -1.12
C SER A 94 1.40 8.53 -1.22
N ALA A 95 2.66 8.22 -1.04
CA ALA A 95 3.74 9.20 -1.19
C ALA A 95 5.07 8.46 -1.28
N THR A 96 6.13 9.14 -1.71
CA THR A 96 7.43 8.49 -1.86
C THR A 96 7.96 8.03 -0.50
N ASP A 97 7.58 8.73 0.56
CA ASP A 97 8.04 8.32 1.88
C ASP A 97 6.95 7.62 2.74
N ASN A 98 5.92 7.08 2.12
CA ASN A 98 4.87 6.40 2.89
C ASN A 98 4.78 4.91 2.64
N TYR A 99 4.33 4.18 3.63
CA TYR A 99 4.02 2.78 3.42
C TYR A 99 2.52 2.58 3.18
N THR A 100 1.72 3.62 3.43
CA THR A 100 0.28 3.51 3.20
C THR A 100 -0.06 3.55 1.70
N LEU A 101 -1.08 2.79 1.35
CA LEU A 101 -1.60 2.67 -0.01
C LEU A 101 -2.86 3.50 -0.22
N GLN A 102 -3.00 4.03 -1.43
CA GLN A 102 -4.22 4.67 -1.89
C GLN A 102 -4.61 4.06 -3.24
N ILE A 103 -5.84 4.31 -3.68
CA ILE A 103 -6.24 3.86 -4.99
C ILE A 103 -5.46 4.62 -6.06
N ASN A 104 -4.97 3.89 -7.04
CA ASN A 104 -4.31 4.51 -8.19
C ASN A 104 -5.35 5.12 -9.11
N PRO A 105 -5.35 6.45 -9.28
CA PRO A 105 -6.38 7.03 -10.16
C PRO A 105 -6.24 6.57 -11.60
N ASN A 106 -5.05 6.12 -11.97
CA ASN A 106 -4.80 5.61 -13.31
C ASN A 106 -4.91 4.09 -13.44
N SER A 107 -5.51 3.44 -12.46
CA SER A 107 -5.66 1.98 -12.49
C SER A 107 -6.27 1.48 -13.80
N GLY A 108 -7.16 2.27 -14.41
CA GLY A 108 -7.82 1.90 -15.64
C GLY A 108 -6.87 1.78 -16.83
N LEU A 109 -5.89 2.66 -16.91
CA LEU A 109 -4.90 2.61 -17.97
C LEU A 109 -4.01 1.40 -17.74
N CYS A 110 -3.71 1.13 -16.49
CA CYS A 110 -2.89 0.00 -16.13
C CYS A 110 -3.55 -1.33 -16.47
N ASN A 111 -4.86 -1.44 -16.27
CA ASN A 111 -5.60 -2.68 -16.54
C ASN A 111 -7.09 -2.38 -16.75
N GLU A 112 -7.61 -2.67 -17.94
CA GLU A 112 -8.99 -2.31 -18.28
C GLU A 112 -10.03 -3.03 -17.42
N ASP A 113 -9.65 -4.14 -16.80
CA ASP A 113 -10.58 -4.90 -15.97
C ASP A 113 -10.59 -4.45 -14.51
N HIS A 114 -9.99 -3.30 -14.22
CA HIS A 114 -9.69 -2.92 -12.84
C HIS A 114 -10.92 -2.89 -11.96
N LEU A 115 -12.06 -2.40 -12.46
CA LEU A 115 -13.26 -2.30 -11.64
C LEU A 115 -13.69 -3.65 -11.13
N SER A 116 -13.49 -4.70 -11.92
CA SER A 116 -13.92 -6.02 -11.51
C SER A 116 -13.01 -6.53 -10.38
N TYR A 117 -11.73 -6.17 -10.42
CA TYR A 117 -10.80 -6.50 -9.37
C TYR A 117 -11.04 -5.70 -8.06
N PHE A 118 -11.42 -4.43 -8.16
CA PHE A 118 -11.81 -3.65 -6.98
C PHE A 118 -13.04 -4.24 -6.32
N THR A 119 -13.97 -4.71 -7.13
CA THR A 119 -15.16 -5.35 -6.61
C THR A 119 -14.82 -6.66 -5.91
N PHE A 120 -13.90 -7.42 -6.49
CA PHE A 120 -13.40 -8.65 -5.91
C PHE A 120 -12.73 -8.42 -4.53
N ILE A 121 -11.88 -7.41 -4.47
CA ILE A 121 -11.12 -7.07 -3.28
C ILE A 121 -12.08 -6.62 -2.16
N GLY A 122 -13.08 -5.84 -2.54
CA GLY A 122 -14.22 -5.57 -1.69
C GLY A 122 -14.91 -6.81 -1.18
N ARG A 123 -15.07 -7.80 -2.05
CA ARG A 123 -15.76 -9.01 -1.65
C ARG A 123 -14.92 -9.78 -0.64
N VAL A 124 -13.62 -9.90 -0.91
CA VAL A 124 -12.71 -10.60 0.00
C VAL A 124 -12.62 -9.87 1.35
N ALA A 125 -12.53 -8.54 1.31
CA ALA A 125 -12.54 -7.76 2.54
C ALA A 125 -13.83 -7.95 3.36
N GLY A 126 -14.99 -7.93 2.70
CA GLY A 126 -16.25 -8.17 3.37
C GLY A 126 -16.33 -9.60 3.88
N LEU A 127 -15.61 -10.48 3.22
CA LEU A 127 -15.67 -11.88 3.53
C LEU A 127 -14.80 -12.19 4.75
N ALA A 128 -13.64 -11.55 4.82
CA ALA A 128 -12.79 -11.60 6.00
C ALA A 128 -13.57 -11.19 7.24
N VAL A 129 -14.13 -10.00 7.17
CA VAL A 129 -14.89 -9.45 8.27
C VAL A 129 -16.06 -10.35 8.67
N PHE A 130 -16.86 -10.79 7.70
CA PHE A 130 -17.98 -11.69 7.99
C PHE A 130 -17.56 -12.92 8.76
N HIS A 131 -16.38 -13.45 8.47
CA HIS A 131 -15.84 -14.65 9.12
C HIS A 131 -14.97 -14.35 10.35
N GLY A 132 -14.97 -13.10 10.79
CA GLY A 132 -14.08 -12.66 11.85
C GLY A 132 -12.60 -12.86 11.57
N LYS A 133 -12.16 -12.62 10.35
CA LYS A 133 -10.75 -12.69 10.05
C LYS A 133 -10.27 -11.33 9.56
N LEU A 134 -8.96 -11.20 9.31
CA LEU A 134 -8.35 -9.94 8.88
C LEU A 134 -7.58 -10.04 7.57
N LEU A 135 -7.63 -8.98 6.79
CA LEU A 135 -6.66 -8.82 5.71
C LEU A 135 -5.40 -8.16 6.32
N ASP A 136 -4.35 -8.08 5.52
CA ASP A 136 -3.06 -7.58 5.95
C ASP A 136 -2.55 -6.52 4.99
N GLY A 137 -2.51 -5.27 5.44
CA GLY A 137 -2.12 -4.14 4.60
C GLY A 137 -2.41 -2.79 5.23
N PHE A 138 -1.80 -1.74 4.69
CA PHE A 138 -2.01 -0.39 5.17
C PHE A 138 -2.56 0.53 4.12
N PHE A 139 -3.76 1.04 4.36
CA PHE A 139 -4.39 2.02 3.49
C PHE A 139 -4.32 3.38 4.16
N ILE A 140 -4.34 4.45 3.39
CA ILE A 140 -4.42 5.78 3.99
C ILE A 140 -5.72 5.97 4.70
N ARG A 141 -5.73 6.77 5.77
CA ARG A 141 -6.94 6.94 6.59
C ARG A 141 -8.18 7.42 5.80
N PRO A 142 -8.02 8.35 4.84
CA PRO A 142 -9.23 8.76 4.15
C PRO A 142 -9.97 7.64 3.43
N PHE A 143 -9.29 6.53 3.12
CA PHE A 143 -9.97 5.39 2.52
C PHE A 143 -11.14 4.90 3.39
N TYR A 144 -10.93 4.86 4.69
CA TYR A 144 -11.96 4.36 5.59
C TYR A 144 -13.05 5.37 5.79
N LYS A 145 -12.69 6.65 5.80
CA LYS A 145 -13.71 7.68 5.83
C LYS A 145 -14.57 7.65 4.55
N MET A 146 -13.95 7.36 3.41
CA MET A 146 -14.70 7.27 2.17
C MET A 146 -15.60 6.04 2.13
N MET A 147 -15.22 4.96 2.79
CA MET A 147 -16.11 3.84 2.93
C MET A 147 -17.39 4.20 3.69
N LEU A 148 -17.27 5.15 4.62
CA LEU A 148 -18.38 5.48 5.52
C LEU A 148 -19.20 6.67 5.03
N GLY A 149 -18.83 7.20 3.88
CA GLY A 149 -19.50 8.36 3.34
C GLY A 149 -19.09 9.66 3.99
N LYS A 150 -18.06 9.66 4.82
CA LYS A 150 -17.74 10.89 5.54
C LYS A 150 -16.95 11.84 4.66
N GLN A 151 -17.17 13.11 4.87
CA GLN A 151 -16.47 14.15 4.14
C GLN A 151 -14.99 14.12 4.47
N ILE A 152 -14.17 14.29 3.45
CA ILE A 152 -12.73 14.35 3.63
C ILE A 152 -12.39 15.82 3.80
N THR A 153 -11.52 16.12 4.73
CA THR A 153 -11.22 17.51 5.08
C THR A 153 -9.74 17.78 5.17
N LEU A 154 -9.43 19.06 5.37
CA LEU A 154 -8.04 19.49 5.52
C LEU A 154 -7.29 18.66 6.55
N ASN A 155 -7.86 18.43 7.72
CA ASN A 155 -7.14 17.68 8.75
C ASN A 155 -6.78 16.26 8.30
N ASP A 156 -7.57 15.67 7.40
CA ASP A 156 -7.29 14.34 6.89
C ASP A 156 -6.02 14.26 6.04
N MET A 157 -5.59 15.37 5.51
CA MET A 157 -4.36 15.45 4.71
C MET A 157 -3.12 15.18 5.57
N GLU A 158 -3.21 15.52 6.85
CA GLU A 158 -2.00 15.58 7.66
C GLU A 158 -1.28 14.23 7.83
N SER A 159 -2.02 13.15 8.00
CA SER A 159 -1.41 11.84 8.16
C SER A 159 -0.86 11.26 6.85
N VAL A 160 -1.20 11.85 5.71
CA VAL A 160 -0.70 11.39 4.42
C VAL A 160 0.47 12.23 3.91
N ASP A 161 0.26 13.56 3.95
CA ASP A 161 1.22 14.51 3.44
C ASP A 161 1.18 15.76 4.34
N SER A 162 2.05 15.76 5.35
CA SER A 162 2.04 16.79 6.37
C SER A 162 2.59 18.11 5.87
N GLU A 163 3.49 18.08 4.91
CA GLU A 163 3.94 19.35 4.35
C GLU A 163 2.86 20.04 3.55
N TYR A 164 2.10 19.29 2.76
CA TYR A 164 1.01 19.89 2.01
C TYR A 164 -0.09 20.35 2.96
N TYR A 165 -0.28 19.58 4.02
CA TYR A 165 -1.20 19.97 5.08
C TYR A 165 -0.83 21.33 5.69
N ASN A 166 0.43 21.54 6.00
CA ASN A 166 0.87 22.79 6.60
C ASN A 166 0.77 23.93 5.61
N SER A 167 1.09 23.64 4.36
CA SER A 167 0.93 24.58 3.28
C SER A 167 -0.53 25.04 3.17
N LEU A 168 -1.47 24.10 3.19
CA LEU A 168 -2.88 24.51 3.14
C LEU A 168 -3.36 25.16 4.45
N LYS A 169 -2.79 24.77 5.58
CA LYS A 169 -3.18 25.38 6.84
C LYS A 169 -2.71 26.84 6.90
N TRP A 170 -1.52 27.08 6.35
CA TRP A 170 -0.99 28.42 6.22
C TRP A 170 -1.94 29.31 5.44
N ILE A 171 -2.42 28.80 4.32
CA ILE A 171 -3.35 29.53 3.49
C ILE A 171 -4.62 29.87 4.26
N LEU A 172 -5.08 28.94 5.09
CA LEU A 172 -6.29 29.11 5.89
C LEU A 172 -6.13 30.20 6.93
N GLU A 173 -4.91 30.30 7.46
CA GLU A 173 -4.65 31.14 8.61
C GLU A 173 -4.02 32.49 8.23
N ASN A 174 -3.66 32.66 6.96
CA ASN A 174 -3.01 33.87 6.50
C ASN A 174 -3.58 34.41 5.20
N ASP A 175 -3.21 35.64 4.86
CA ASP A 175 -3.60 36.25 3.59
C ASP A 175 -2.79 35.65 2.45
N PRO A 176 -3.46 34.99 1.51
CA PRO A 176 -2.72 34.24 0.49
C PRO A 176 -2.39 35.03 -0.78
N THR A 177 -2.72 36.32 -0.82
CA THR A 177 -2.49 37.14 -2.00
C THR A 177 -1.09 37.05 -2.57
N GLU A 178 -0.10 37.08 -1.69
CA GLU A 178 1.30 37.02 -2.09
C GLU A 178 1.63 35.75 -2.86
N LEU A 179 0.75 34.75 -2.79
CA LEU A 179 1.04 33.45 -3.37
C LEU A 179 0.62 33.35 -4.85
N ASP A 180 -0.29 34.24 -5.27
CA ASP A 180 -0.77 34.27 -6.65
C ASP A 180 -1.38 32.97 -7.11
N LEU A 181 -2.21 32.37 -6.28
CA LEU A 181 -2.79 31.10 -6.60
C LEU A 181 -4.09 31.24 -7.36
N MET A 182 -4.36 30.25 -8.20
CA MET A 182 -5.60 30.18 -8.94
C MET A 182 -6.26 28.86 -8.61
N PHE A 183 -7.49 28.65 -9.01
CA PHE A 183 -8.11 27.38 -8.79
C PHE A 183 -7.66 26.38 -9.89
N CYS A 184 -6.35 26.32 -10.15
CA CYS A 184 -5.65 25.45 -11.12
C CYS A 184 -4.86 24.54 -10.20
N ILE A 185 -4.40 23.41 -10.66
CA ILE A 185 -3.56 22.54 -9.90
C ILE A 185 -2.69 21.74 -10.84
N ASP A 186 -1.42 21.59 -10.53
CA ASP A 186 -0.56 20.74 -11.36
C ASP A 186 -0.70 19.26 -11.00
N GLU A 187 -1.19 18.47 -11.93
CA GLU A 187 -1.36 17.05 -11.72
C GLU A 187 -0.27 16.31 -12.47
N GLU A 188 0.41 15.39 -11.79
CA GLU A 188 1.46 14.64 -12.46
C GLU A 188 1.01 13.20 -12.65
N ASN A 189 1.03 12.75 -13.91
CA ASN A 189 0.78 11.35 -14.27
C ASN A 189 1.92 10.86 -15.20
N PHE A 190 2.60 9.80 -14.80
CA PHE A 190 3.68 9.17 -15.58
C PHE A 190 4.73 10.17 -16.01
N GLY A 191 5.18 10.97 -15.05
CA GLY A 191 6.23 11.94 -15.30
C GLY A 191 5.78 13.21 -15.98
N GLN A 192 4.54 13.28 -16.42
CA GLN A 192 4.08 14.47 -17.09
C GLN A 192 3.13 15.33 -16.27
N THR A 193 3.18 16.64 -16.49
CA THR A 193 2.40 17.57 -15.71
C THR A 193 1.28 18.23 -16.51
N TYR A 194 0.09 18.18 -15.93
CA TYR A 194 -1.10 18.73 -16.54
C TYR A 194 -1.68 19.79 -15.62
N GLN A 195 -2.30 20.79 -16.21
CA GLN A 195 -3.00 21.78 -15.41
C GLN A 195 -4.45 21.36 -15.37
N VAL A 196 -5.00 21.16 -14.18
CA VAL A 196 -6.42 20.87 -14.14
C VAL A 196 -7.14 21.90 -13.28
N ASP A 197 -8.28 22.32 -13.80
CA ASP A 197 -9.17 23.20 -13.10
C ASP A 197 -9.81 22.46 -11.95
N LEU A 198 -9.73 23.07 -10.77
CA LEU A 198 -10.39 22.55 -9.58
C LEU A 198 -11.89 22.76 -9.61
N LYS A 199 -12.33 23.75 -10.37
CA LYS A 199 -13.76 23.95 -10.61
C LYS A 199 -13.83 24.57 -11.99
N PRO A 200 -15.03 24.67 -12.58
CA PRO A 200 -15.12 25.24 -13.93
C PRO A 200 -14.45 26.62 -14.04
N ASN A 201 -13.65 26.78 -15.08
CA ASN A 201 -12.87 27.99 -15.34
C ASN A 201 -11.82 28.30 -14.27
N GLY A 202 -11.52 27.31 -13.45
CA GLY A 202 -10.67 27.46 -12.30
C GLY A 202 -9.39 28.26 -12.45
N SER A 203 -8.64 28.05 -13.51
CA SER A 203 -7.36 28.73 -13.68
C SER A 203 -7.51 30.24 -13.83
N GLU A 204 -8.74 30.72 -14.00
CA GLU A 204 -9.01 32.16 -14.09
C GLU A 204 -9.86 32.67 -12.91
N ILE A 205 -9.86 31.89 -11.83
CA ILE A 205 -10.45 32.31 -10.56
C ILE A 205 -9.33 32.42 -9.54
N MET A 206 -9.18 33.59 -8.96
CA MET A 206 -8.06 33.83 -8.07
C MET A 206 -8.42 33.48 -6.63
N VAL A 207 -7.50 32.83 -5.92
CA VAL A 207 -7.69 32.47 -4.53
C VAL A 207 -7.61 33.72 -3.67
N THR A 208 -8.67 34.00 -2.89
CA THR A 208 -8.71 35.17 -2.00
C THR A 208 -9.18 34.80 -0.60
N ASN A 209 -9.04 35.71 0.36
CA ASN A 209 -9.46 35.45 1.75
C ASN A 209 -10.89 35.00 1.79
N GLU A 210 -11.67 35.45 0.81
CA GLU A 210 -13.08 35.12 0.78
C GLU A 210 -13.36 33.78 0.13
N ASN A 211 -12.48 33.26 -0.72
CA ASN A 211 -12.80 31.96 -1.29
C ASN A 211 -11.80 30.84 -0.96
N LYS A 212 -10.81 31.13 -0.12
CA LYS A 212 -9.71 30.19 0.10
C LYS A 212 -10.16 28.90 0.81
N ARG A 213 -11.19 29.00 1.63
CA ARG A 213 -11.78 27.81 2.23
C ARG A 213 -12.32 26.89 1.16
N GLU A 214 -12.96 27.45 0.13
CA GLU A 214 -13.47 26.62 -0.97
C GLU A 214 -12.30 26.02 -1.76
N TYR A 215 -11.25 26.81 -1.96
CA TYR A 215 -10.06 26.34 -2.61
C TYR A 215 -9.45 25.11 -1.90
N ILE A 216 -9.24 25.24 -0.59
CA ILE A 216 -8.68 24.17 0.22
C ILE A 216 -9.54 22.91 0.13
N ASP A 217 -10.85 23.08 0.26
CA ASP A 217 -11.74 21.94 0.11
C ASP A 217 -11.60 21.28 -1.27
N LEU A 218 -11.56 22.07 -2.35
CA LEU A 218 -11.43 21.50 -3.69
C LEU A 218 -10.09 20.78 -3.91
N VAL A 219 -9.01 21.33 -3.36
CA VAL A 219 -7.72 20.65 -3.38
C VAL A 219 -7.78 19.28 -2.66
N ILE A 220 -8.47 19.22 -1.51
CA ILE A 220 -8.63 17.96 -0.76
C ILE A 220 -9.44 16.94 -1.55
N GLN A 221 -10.52 17.39 -2.20
CA GLN A 221 -11.34 16.49 -3.01
C GLN A 221 -10.54 15.94 -4.21
N TRP A 222 -9.73 16.80 -4.81
CA TRP A 222 -8.87 16.41 -5.91
C TRP A 222 -7.80 15.43 -5.43
N ARG A 223 -7.26 15.69 -4.26
CA ARG A 223 -6.20 14.85 -3.72
C ARG A 223 -6.66 13.40 -3.44
N PHE A 224 -7.83 13.27 -2.85
CA PHE A 224 -8.26 12.00 -2.30
C PHE A 224 -9.55 11.39 -2.88
N VAL A 225 -10.44 12.22 -3.43
CA VAL A 225 -11.80 11.76 -3.71
C VAL A 225 -12.19 11.66 -5.18
N ASN A 226 -12.12 12.78 -5.89
CA ASN A 226 -12.63 12.94 -7.25
C ASN A 226 -12.15 11.95 -8.31
N ARG A 227 -10.90 11.52 -8.22
CA ARG A 227 -10.29 10.73 -9.28
C ARG A 227 -10.39 9.23 -9.03
N VAL A 228 -11.01 8.83 -7.93
CA VAL A 228 -11.03 7.42 -7.58
C VAL A 228 -12.42 6.94 -7.23
N GLN A 229 -13.43 7.69 -7.64
CA GLN A 229 -14.80 7.32 -7.30
C GLN A 229 -15.29 6.02 -7.89
N LYS A 230 -14.96 5.75 -9.14
CA LYS A 230 -15.44 4.53 -9.77
C LYS A 230 -14.79 3.33 -9.13
N GLN A 231 -13.52 3.45 -8.79
CA GLN A 231 -12.80 2.36 -8.15
C GLN A 231 -13.32 2.18 -6.74
N MET A 232 -13.46 3.28 -6.00
CA MET A 232 -13.98 3.18 -4.65
C MET A 232 -15.40 2.63 -4.65
N ASN A 233 -16.24 3.10 -5.56
CA ASN A 233 -17.62 2.60 -5.65
C ASN A 233 -17.70 1.11 -5.98
N ALA A 234 -16.83 0.62 -6.86
CA ALA A 234 -16.77 -0.80 -7.13
C ALA A 234 -16.32 -1.61 -5.92
N PHE A 235 -15.34 -1.09 -5.18
CA PHE A 235 -14.90 -1.74 -3.96
C PHE A 235 -16.06 -1.88 -2.99
N LEU A 236 -16.81 -0.79 -2.84
CA LEU A 236 -17.93 -0.77 -1.92
C LEU A 236 -19.06 -1.68 -2.34
N GLU A 237 -19.27 -1.82 -3.64
CA GLU A 237 -20.24 -2.79 -4.14
C GLU A 237 -19.91 -4.20 -3.66
N GLY A 238 -18.65 -4.57 -3.77
CA GLY A 238 -18.23 -5.89 -3.34
C GLY A 238 -18.21 -5.98 -1.83
N PHE A 239 -17.82 -4.91 -1.17
CA PHE A 239 -17.80 -4.94 0.28
C PHE A 239 -19.22 -5.02 0.87
N THR A 240 -20.20 -4.37 0.25
CA THR A 240 -21.55 -4.47 0.79
C THR A 240 -22.31 -5.65 0.25
N GLU A 241 -21.70 -6.44 -0.62
CA GLU A 241 -22.39 -7.64 -1.06
C GLU A 241 -22.38 -8.70 0.06
N LEU A 242 -21.55 -8.52 1.08
CA LEU A 242 -21.54 -9.47 2.18
C LEU A 242 -21.99 -8.81 3.48
N LEU A 243 -21.88 -7.50 3.56
CA LEU A 243 -22.15 -6.79 4.79
C LEU A 243 -23.04 -5.60 4.51
N PRO A 244 -24.18 -5.49 5.21
CA PRO A 244 -25.06 -4.35 4.94
C PRO A 244 -24.36 -3.05 5.31
N ILE A 245 -24.54 -1.99 4.54
CA ILE A 245 -23.82 -0.75 4.78
C ILE A 245 -24.20 -0.08 6.10
N ASP A 246 -25.46 -0.17 6.51
CA ASP A 246 -25.88 0.57 7.67
C ASP A 246 -25.47 -0.18 8.92
N LEU A 247 -25.24 -1.46 8.76
CA LEU A 247 -24.62 -2.19 9.84
C LEU A 247 -23.15 -1.76 9.99
N ILE A 248 -22.45 -1.65 8.86
CA ILE A 248 -21.07 -1.19 8.85
C ILE A 248 -20.92 0.19 9.49
N LYS A 249 -21.94 1.03 9.31
CA LYS A 249 -21.84 2.42 9.68
C LYS A 249 -21.98 2.69 11.18
N ILE A 250 -22.19 1.66 12.00
CA ILE A 250 -22.08 1.83 13.43
C ILE A 250 -20.62 2.06 13.82
N PHE A 251 -19.70 1.78 12.91
CA PHE A 251 -18.29 1.89 13.20
C PHE A 251 -17.77 3.23 12.73
N ASP A 252 -16.87 3.84 13.49
CA ASP A 252 -16.18 4.99 12.95
C ASP A 252 -14.97 4.52 12.12
N GLU A 253 -14.26 5.46 11.51
CA GLU A 253 -13.23 5.10 10.56
C GLU A 253 -12.03 4.42 11.20
N ASN A 254 -11.71 4.73 12.46
CA ASN A 254 -10.60 4.06 13.11
C ASN A 254 -10.97 2.61 13.44
N GLU A 255 -12.21 2.41 13.85
CA GLU A 255 -12.75 1.09 14.16
C GLU A 255 -12.90 0.22 12.95
N LEU A 256 -13.27 0.83 11.83
CA LEU A 256 -13.42 0.13 10.58
C LEU A 256 -12.07 -0.42 10.13
N GLU A 257 -11.02 0.36 10.27
CA GLU A 257 -9.71 -0.12 9.89
C GLU A 257 -9.28 -1.31 10.75
N LEU A 258 -9.64 -1.26 12.03
CA LEU A 258 -9.27 -2.30 12.98
C LEU A 258 -10.02 -3.57 12.66
N LEU A 259 -11.28 -3.39 12.30
CA LEU A 259 -12.13 -4.47 11.92
C LEU A 259 -11.64 -5.17 10.63
N MET A 260 -11.07 -4.40 9.71
CA MET A 260 -10.71 -4.93 8.41
C MET A 260 -9.27 -5.40 8.31
N CYS A 261 -8.37 -4.63 8.88
CA CYS A 261 -6.99 -4.73 8.46
C CYS A 261 -6.23 -4.93 9.80
N GLY A 262 -6.96 -4.85 10.91
CA GLY A 262 -6.43 -5.16 12.25
C GLY A 262 -5.61 -4.10 13.01
N LEU A 263 -4.74 -4.50 13.91
CA LEU A 263 -3.90 -3.54 14.62
C LEU A 263 -2.98 -2.50 14.05
N GLY A 264 -2.17 -2.83 13.08
CA GLY A 264 -1.25 -1.86 12.53
C GLY A 264 -0.05 -1.54 13.36
N ASP A 265 0.46 -2.53 14.06
CA ASP A 265 1.58 -2.30 14.95
C ASP A 265 2.46 -3.54 15.03
N VAL A 266 3.66 -3.38 15.54
CA VAL A 266 4.59 -4.48 15.61
C VAL A 266 4.72 -5.01 17.03
N ASP A 267 4.74 -6.32 17.17
CA ASP A 267 4.98 -6.95 18.46
C ASP A 267 6.45 -6.91 18.81
N VAL A 268 6.83 -5.95 19.64
CA VAL A 268 8.21 -5.71 20.01
C VAL A 268 8.81 -6.92 20.68
N ASN A 269 8.03 -7.58 21.52
CA ASN A 269 8.51 -8.79 22.18
C ASN A 269 8.85 -9.91 21.20
N ASP A 270 7.91 -10.25 20.32
CA ASP A 270 8.17 -11.27 19.30
C ASP A 270 9.32 -10.86 18.38
N TRP A 271 9.42 -9.57 18.14
CA TRP A 271 10.49 -9.00 17.35
C TRP A 271 11.83 -9.23 18.04
N ARG A 272 11.91 -8.85 19.32
CA ARG A 272 13.13 -8.97 20.11
C ARG A 272 13.53 -10.43 20.29
N GLN A 273 12.57 -11.26 20.68
CA GLN A 273 12.84 -12.67 20.98
C GLN A 273 13.19 -13.53 19.77
N HIS A 274 13.41 -12.91 18.62
CA HIS A 274 13.78 -13.65 17.41
C HIS A 274 14.77 -12.90 16.57
N SER A 275 15.48 -11.96 17.18
CA SER A 275 16.53 -11.25 16.45
C SER A 275 17.89 -11.87 16.73
N ILE A 276 18.81 -11.60 15.83
CA ILE A 276 20.18 -12.06 15.94
C ILE A 276 21.12 -10.87 16.03
N TYR A 277 22.13 -10.99 16.88
CA TYR A 277 23.12 -9.94 17.04
C TYR A 277 24.47 -10.46 16.61
N LYS A 278 25.29 -9.56 16.08
CA LYS A 278 26.60 -9.94 15.57
C LYS A 278 27.70 -9.00 16.05
N ASN A 279 28.93 -9.50 16.02
CA ASN A 279 30.12 -8.69 16.23
C ASN A 279 30.16 -7.98 17.58
N GLY A 280 29.88 -8.72 18.66
CA GLY A 280 29.96 -8.14 19.98
C GLY A 280 28.64 -8.01 20.71
N TYR A 281 27.55 -7.76 19.97
CA TYR A 281 26.26 -7.48 20.60
C TYR A 281 25.61 -8.76 21.18
N CYS A 282 24.90 -8.59 22.29
CA CYS A 282 24.23 -9.69 22.97
C CYS A 282 22.88 -9.20 23.45
N PRO A 283 21.97 -10.12 23.77
CA PRO A 283 20.68 -9.76 24.37
C PRO A 283 20.75 -8.79 25.56
N ASN A 284 21.81 -8.83 26.37
CA ASN A 284 21.89 -7.95 27.53
C ASN A 284 22.95 -6.88 27.44
N HIS A 285 23.63 -6.86 26.32
CA HIS A 285 24.64 -5.87 26.06
C HIS A 285 23.90 -4.59 26.29
N PRO A 286 24.63 -3.48 26.69
CA PRO A 286 23.84 -2.27 26.95
C PRO A 286 23.26 -1.53 25.75
N VAL A 287 24.00 -1.44 24.68
CA VAL A 287 23.55 -0.75 23.46
C VAL A 287 22.30 -1.41 22.90
N ILE A 288 22.25 -2.74 23.03
CA ILE A 288 21.11 -3.50 22.57
C ILE A 288 19.87 -3.26 23.43
N GLN A 289 20.03 -3.23 24.74
CA GLN A 289 18.91 -2.97 25.63
C GLN A 289 18.39 -1.58 25.38
N TRP A 290 19.28 -0.67 25.02
CA TRP A 290 18.86 0.68 24.68
C TRP A 290 18.07 0.66 23.38
N PHE A 291 18.45 -0.21 22.47
CA PHE A 291 17.76 -0.33 21.21
C PHE A 291 16.32 -0.78 21.42
N TRP A 292 16.12 -1.88 22.12
CA TRP A 292 14.77 -2.39 22.31
C TRP A 292 13.94 -1.52 23.25
N LYS A 293 14.61 -0.77 24.12
CA LYS A 293 13.87 0.22 24.92
C LYS A 293 13.38 1.34 24.02
N ALA A 294 14.21 1.77 23.07
CA ALA A 294 13.80 2.79 22.12
C ALA A 294 12.62 2.33 21.26
N VAL A 295 12.64 1.06 20.88
CA VAL A 295 11.61 0.51 20.03
C VAL A 295 10.28 0.40 20.76
N LEU A 296 10.34 0.06 22.05
CA LEU A 296 9.16 0.07 22.89
C LEU A 296 8.52 1.46 22.99
N LEU A 297 9.35 2.48 23.14
CA LEU A 297 8.85 3.83 23.31
C LEU A 297 8.33 4.46 22.05
N MET A 298 8.60 3.89 20.88
CA MET A 298 8.09 4.58 19.70
C MET A 298 6.65 4.17 19.44
N ASP A 299 5.92 5.00 18.70
CA ASP A 299 4.55 4.68 18.31
C ASP A 299 4.52 3.72 17.10
N ALA A 300 3.31 3.38 16.65
CA ALA A 300 3.12 2.42 15.56
C ALA A 300 3.79 2.91 14.29
N GLU A 301 3.52 4.15 13.91
CA GLU A 301 4.10 4.68 12.68
C GLU A 301 5.61 4.52 12.73
N LYS A 302 6.20 4.77 13.89
CA LYS A 302 7.65 4.70 14.02
C LYS A 302 8.17 3.26 14.03
N ARG A 303 7.46 2.36 14.69
CA ARG A 303 7.86 0.96 14.68
C ARG A 303 7.78 0.40 13.27
N ILE A 304 6.71 0.72 12.54
CA ILE A 304 6.57 0.29 11.16
C ILE A 304 7.68 0.88 10.27
N ARG A 305 7.93 2.18 10.36
CA ARG A 305 8.99 2.78 9.56
C ARG A 305 10.37 2.22 9.89
N LEU A 306 10.57 1.80 11.13
CA LEU A 306 11.81 1.14 11.51
C LEU A 306 11.88 -0.24 10.87
N LEU A 307 10.78 -1.00 10.90
CA LEU A 307 10.75 -2.30 10.24
C LEU A 307 11.03 -2.18 8.74
N GLN A 308 10.41 -1.19 8.11
CA GLN A 308 10.61 -0.96 6.69
C GLN A 308 12.05 -0.55 6.38
N PHE A 309 12.59 0.34 7.19
CA PHE A 309 13.98 0.79 7.08
C PHE A 309 14.98 -0.36 7.05
N VAL A 310 14.76 -1.38 7.90
CA VAL A 310 15.73 -2.43 8.07
C VAL A 310 15.42 -3.69 7.23
N THR A 311 14.16 -3.88 6.85
CA THR A 311 13.82 -5.06 6.09
C THR A 311 13.30 -4.74 4.70
N GLY A 312 13.04 -3.48 4.41
CA GLY A 312 12.56 -3.12 3.09
C GLY A 312 11.05 -3.22 2.91
N THR A 313 10.37 -3.78 3.89
CA THR A 313 8.91 -3.88 3.83
C THR A 313 8.21 -3.54 5.17
N SER A 314 6.96 -3.13 5.09
CA SER A 314 6.15 -2.78 6.25
C SER A 314 5.44 -3.97 6.86
N ARG A 315 5.47 -5.09 6.15
CA ARG A 315 4.74 -6.27 6.54
C ARG A 315 5.53 -7.21 7.43
N VAL A 316 4.94 -7.57 8.56
CA VAL A 316 5.46 -8.55 9.48
C VAL A 316 5.04 -9.92 8.98
N PRO A 317 5.93 -10.92 9.07
CA PRO A 317 5.55 -12.25 8.59
C PRO A 317 4.33 -12.79 9.33
N MET A 318 3.53 -13.58 8.62
CA MET A 318 2.30 -14.10 9.15
C MET A 318 2.48 -14.82 10.47
N ASN A 319 3.57 -15.55 10.62
CA ASN A 319 3.85 -16.19 11.90
C ASN A 319 4.91 -15.49 12.74
N GLY A 320 5.04 -14.18 12.56
CA GLY A 320 5.99 -13.40 13.33
C GLY A 320 7.41 -13.52 12.84
N PHE A 321 8.33 -12.94 13.62
CA PHE A 321 9.69 -12.68 13.16
C PHE A 321 10.58 -13.92 13.05
N ALA A 322 10.11 -15.04 13.61
CA ALA A 322 10.79 -16.31 13.42
C ALA A 322 10.86 -16.67 11.94
N GLU A 323 9.88 -16.22 11.16
CA GLU A 323 9.83 -16.60 9.77
C GLU A 323 10.15 -15.45 8.85
N LEU A 324 10.97 -14.54 9.33
CA LEU A 324 11.41 -13.43 8.51
C LEU A 324 12.30 -13.90 7.37
N TYR A 325 12.12 -13.30 6.20
CA TYR A 325 12.89 -13.66 5.02
C TYR A 325 13.67 -12.49 4.48
N GLY A 326 14.84 -12.77 3.93
CA GLY A 326 15.65 -11.76 3.27
C GLY A 326 15.48 -11.81 1.77
N SER A 327 16.57 -12.08 1.06
CA SER A 327 16.51 -12.22 -0.39
C SER A 327 16.81 -13.66 -0.77
N ASN A 328 17.41 -14.39 0.16
CA ASN A 328 17.88 -15.74 -0.08
C ASN A 328 17.39 -16.70 0.98
N GLY A 329 16.07 -16.80 1.13
CA GLY A 329 15.48 -17.65 2.15
C GLY A 329 15.45 -16.97 3.51
N PRO A 330 15.18 -17.75 4.56
CA PRO A 330 15.12 -17.26 5.94
C PRO A 330 16.27 -16.33 6.29
N GLN A 331 15.97 -15.35 7.14
CA GLN A 331 16.91 -14.33 7.52
C GLN A 331 16.36 -13.53 8.68
N LEU A 332 16.62 -14.01 9.90
CA LEU A 332 16.22 -13.30 11.10
C LEU A 332 16.73 -11.87 11.13
N PHE A 333 16.02 -11.03 11.86
CA PHE A 333 16.40 -9.65 12.05
C PHE A 333 17.81 -9.59 12.67
N THR A 334 18.69 -8.80 12.08
CA THR A 334 20.07 -8.78 12.55
C THR A 334 20.65 -7.40 12.86
N ILE A 335 21.15 -7.25 14.08
CA ILE A 335 21.84 -6.04 14.50
C ILE A 335 23.34 -6.33 14.72
N GLU A 336 24.19 -5.63 13.98
CA GLU A 336 25.61 -5.87 14.14
C GLU A 336 26.35 -4.57 14.38
N GLN A 337 27.39 -4.67 15.21
CA GLN A 337 28.16 -3.50 15.60
C GLN A 337 28.97 -2.98 14.43
N TRP A 338 28.87 -1.68 14.19
CA TRP A 338 29.53 -1.06 13.06
C TRP A 338 29.72 0.42 13.27
N GLY A 339 30.85 0.95 12.83
CA GLY A 339 31.04 2.39 12.83
C GLY A 339 31.31 2.98 14.20
N SER A 340 31.09 4.29 14.29
CA SER A 340 31.47 5.07 15.47
C SER A 340 30.35 6.07 15.79
N PRO A 341 30.16 6.37 17.09
CA PRO A 341 29.02 7.11 17.64
C PRO A 341 28.65 8.43 16.96
N GLU A 342 29.47 8.94 16.05
CA GLU A 342 29.06 10.15 15.34
C GLU A 342 28.33 9.74 14.06
N LYS A 343 28.35 8.44 13.79
CA LYS A 343 27.68 7.87 12.62
C LYS A 343 26.20 7.64 12.87
N LEU A 344 25.38 7.81 11.84
CA LEU A 344 24.00 7.36 11.85
C LEU A 344 23.99 5.88 11.49
N PRO A 345 23.01 5.12 11.99
CA PRO A 345 22.95 3.69 11.68
C PRO A 345 22.67 3.42 10.21
N ARG A 346 22.99 2.22 9.76
CA ARG A 346 22.82 1.85 8.37
C ARG A 346 22.03 0.57 8.24
N ALA A 347 21.31 0.46 7.14
CA ALA A 347 20.44 -0.67 6.91
C ALA A 347 20.81 -1.43 5.65
N HIS A 348 20.78 -2.75 5.75
CA HIS A 348 20.93 -3.61 4.59
C HIS A 348 19.66 -4.44 4.40
N THR A 349 18.75 -3.96 3.56
CA THR A 349 17.39 -4.50 3.53
C THR A 349 17.30 -5.94 3.02
N CYS A 350 18.09 -6.25 1.99
CA CYS A 350 18.10 -7.59 1.40
C CYS A 350 18.53 -8.66 2.41
N PHE A 351 19.14 -8.23 3.51
CA PHE A 351 19.55 -9.21 4.52
C PHE A 351 19.06 -8.86 5.92
N ASN A 352 18.12 -7.91 5.99
CA ASN A 352 17.45 -7.56 7.24
C ASN A 352 18.47 -7.21 8.34
N ARG A 353 19.40 -6.34 8.00
CA ARG A 353 20.53 -6.09 8.87
C ARG A 353 20.64 -4.62 9.19
N LEU A 354 20.80 -4.35 10.48
CA LEU A 354 20.99 -2.99 10.96
C LEU A 354 22.43 -2.80 11.44
N ASP A 355 23.14 -1.88 10.79
CA ASP A 355 24.47 -1.49 11.24
C ASP A 355 24.34 -0.41 12.31
N LEU A 356 24.61 -0.80 13.55
CA LEU A 356 24.34 0.05 14.70
C LEU A 356 25.60 0.39 15.49
N PRO A 357 26.06 1.65 15.39
CA PRO A 357 27.20 2.16 16.17
C PRO A 357 27.00 1.96 17.66
N PRO A 358 28.09 1.76 18.41
CA PRO A 358 27.93 1.60 19.86
C PRO A 358 27.85 2.95 20.56
N TYR A 359 26.71 3.61 20.45
CA TYR A 359 26.52 4.89 21.10
C TYR A 359 26.72 4.77 22.61
N GLU A 360 27.00 5.90 23.24
CA GLU A 360 27.33 5.96 24.66
C GLU A 360 26.17 6.17 25.61
N THR A 361 25.14 6.85 25.17
CA THR A 361 23.93 7.04 25.96
C THR A 361 22.71 6.50 25.24
N PHE A 362 21.63 6.31 25.99
CA PHE A 362 20.38 5.85 25.41
C PHE A 362 19.75 6.91 24.52
N GLU A 363 19.81 8.14 25.00
CA GLU A 363 19.17 9.25 24.33
C GLU A 363 19.83 9.45 22.98
N ASP A 364 21.13 9.25 22.93
CA ASP A 364 21.85 9.47 21.68
C ASP A 364 21.52 8.40 20.64
N LEU A 365 21.45 7.14 21.07
CA LEU A 365 21.02 6.06 20.19
C LEU A 365 19.63 6.38 19.66
N ARG A 366 18.75 6.80 20.55
CA ARG A 366 17.37 7.09 20.18
C ARG A 366 17.26 8.18 19.11
N GLU A 367 17.96 9.30 19.27
CA GLU A 367 17.89 10.36 18.25
C GLU A 367 18.57 9.94 16.97
N LYS A 368 19.61 9.12 17.08
CA LYS A 368 20.36 8.74 15.90
C LYS A 368 19.59 7.68 15.12
N LEU A 369 18.89 6.83 15.85
CA LEU A 369 18.06 5.81 15.21
C LEU A 369 16.87 6.45 14.52
N LEU A 370 16.24 7.42 15.16
CA LEU A 370 15.11 8.14 14.55
C LEU A 370 15.53 8.90 13.32
N MET A 371 16.67 9.57 13.40
CA MET A 371 17.16 10.39 12.31
C MET A 371 17.53 9.56 11.08
N ALA A 372 18.11 8.38 11.31
CA ALA A 372 18.47 7.49 10.21
C ALA A 372 17.21 7.05 9.48
N VAL A 373 16.15 6.85 10.24
CA VAL A 373 14.89 6.35 9.72
C VAL A 373 14.21 7.37 8.82
N GLU A 374 14.16 8.63 9.27
CA GLU A 374 13.58 9.69 8.45
C GLU A 374 14.44 9.87 7.21
N ASN A 375 15.75 9.91 7.39
CA ASN A 375 16.68 10.12 6.29
C ASN A 375 16.62 9.08 5.16
N ALA A 376 16.00 7.94 5.39
CA ALA A 376 15.88 6.95 4.34
C ALA A 376 14.62 7.31 3.56
N GLN A 377 14.83 7.77 2.34
CA GLN A 377 13.77 8.21 1.47
C GLN A 377 12.79 9.05 2.24
N HIS B 8 23.45 5.30 -26.19
CA HIS B 8 23.86 4.26 -27.12
C HIS B 8 23.05 3.01 -26.92
N MET B 9 21.97 3.08 -26.15
CA MET B 9 21.50 4.25 -25.38
C MET B 9 20.89 3.69 -24.10
N ARG B 10 20.62 4.55 -23.13
CA ARG B 10 20.07 4.08 -21.86
C ARG B 10 18.64 4.55 -21.57
N ILE B 11 17.78 3.64 -21.09
CA ILE B 11 16.48 4.04 -20.54
C ILE B 11 16.21 3.48 -19.14
N PHE B 12 15.22 4.04 -18.46
CA PHE B 12 14.85 3.61 -17.11
C PHE B 12 13.43 3.08 -17.04
N VAL B 13 13.24 2.01 -16.30
CA VAL B 13 11.91 1.44 -16.07
C VAL B 13 11.56 1.51 -14.59
N ARG B 14 10.57 2.33 -14.25
CA ARG B 14 10.13 2.49 -12.87
C ARG B 14 9.00 1.52 -12.56
N THR B 15 9.20 0.73 -11.51
CA THR B 15 8.17 -0.17 -10.99
C THR B 15 7.35 0.53 -9.89
N PRO B 16 6.16 0.00 -9.59
CA PRO B 16 5.35 0.62 -8.53
C PRO B 16 5.81 0.18 -7.14
N THR B 17 6.85 -0.62 -7.11
CA THR B 17 7.42 -1.14 -5.89
C THR B 17 8.70 -0.42 -5.58
N ARG B 18 8.80 0.82 -6.05
CA ARG B 18 9.87 1.71 -5.67
C ARG B 18 11.23 1.17 -6.12
N LYS B 19 11.29 0.78 -7.38
CA LYS B 19 12.49 0.25 -7.97
C LYS B 19 12.66 0.86 -9.35
N THR B 20 13.85 1.35 -9.65
CA THR B 20 14.14 1.82 -11.00
C THR B 20 15.13 0.89 -11.68
N ILE B 21 14.66 0.21 -12.72
CA ILE B 21 15.50 -0.69 -13.50
C ILE B 21 16.23 0.08 -14.62
N THR B 22 17.55 -0.13 -14.74
CA THR B 22 18.28 0.44 -15.86
C THR B 22 18.41 -0.54 -17.02
N LEU B 23 18.07 -0.09 -18.22
CA LEU B 23 18.20 -0.93 -19.41
C LEU B 23 19.12 -0.30 -20.46
N GLU B 24 19.81 -1.15 -21.20
CA GLU B 24 20.56 -0.69 -22.36
C GLU B 24 19.81 -1.10 -23.61
N VAL B 25 19.44 -0.12 -24.41
CA VAL B 25 18.59 -0.37 -25.57
C VAL B 25 18.99 0.47 -26.76
N GLU B 26 18.34 0.22 -27.88
CA GLU B 26 18.42 1.14 -29.02
C GLU B 26 17.04 1.30 -29.64
N PRO B 27 16.81 2.44 -30.30
CA PRO B 27 15.50 2.82 -30.87
C PRO B 27 14.90 1.79 -31.83
N SER B 28 15.72 0.83 -32.26
CA SER B 28 15.28 -0.22 -33.15
C SER B 28 14.45 -1.22 -32.36
N ASP B 29 14.77 -1.33 -31.08
CA ASP B 29 14.20 -2.36 -30.21
C ASP B 29 12.68 -2.29 -30.14
N THR B 30 12.05 -3.43 -30.36
CA THR B 30 10.62 -3.53 -30.19
C THR B 30 10.29 -3.50 -28.71
N ILE B 31 9.04 -3.18 -28.42
CA ILE B 31 8.57 -3.18 -27.04
C ILE B 31 8.71 -4.59 -26.50
N GLU B 32 8.37 -5.56 -27.35
CA GLU B 32 8.54 -6.98 -27.07
C GLU B 32 9.97 -7.32 -26.60
N ASN B 33 10.95 -6.65 -27.18
CA ASN B 33 12.33 -6.94 -26.83
C ASN B 33 12.76 -6.23 -25.56
N VAL B 34 12.24 -5.02 -25.36
CA VAL B 34 12.45 -4.33 -24.10
C VAL B 34 11.89 -5.16 -22.96
N LYS B 35 10.73 -5.74 -23.18
CA LYS B 35 10.12 -6.56 -22.15
C LYS B 35 10.94 -7.80 -21.87
N ALA B 36 11.66 -8.29 -22.87
CA ALA B 36 12.48 -9.48 -22.71
C ALA B 36 13.68 -9.18 -21.82
N LYS B 37 14.22 -7.97 -21.95
CA LYS B 37 15.30 -7.54 -21.06
C LYS B 37 14.80 -7.41 -19.63
N ILE B 38 13.57 -6.92 -19.48
CA ILE B 38 12.97 -6.77 -18.17
C ILE B 38 12.76 -8.13 -17.53
N GLN B 39 12.29 -9.09 -18.32
CA GLN B 39 12.14 -10.46 -17.81
C GLN B 39 13.44 -11.06 -17.33
N ASP B 40 14.55 -10.67 -17.93
CA ASP B 40 15.83 -11.21 -17.49
C ASP B 40 16.14 -10.64 -16.12
N LYS B 41 16.12 -9.32 -16.00
CA LYS B 41 16.45 -8.64 -14.76
C LYS B 41 15.41 -8.78 -13.65
N GLU B 42 14.20 -9.25 -13.96
CA GLU B 42 13.11 -9.14 -12.98
C GLU B 42 12.27 -10.40 -12.77
N GLY B 43 12.36 -11.36 -13.69
CA GLY B 43 11.58 -12.58 -13.57
C GLY B 43 10.15 -12.50 -14.10
N ILE B 44 9.78 -11.41 -14.76
CA ILE B 44 8.41 -11.27 -15.23
C ILE B 44 8.24 -11.59 -16.72
N PRO B 45 7.49 -12.66 -17.02
CA PRO B 45 7.14 -13.02 -18.41
C PRO B 45 6.56 -11.85 -19.17
N PRO B 46 7.17 -11.48 -20.30
CA PRO B 46 6.75 -10.37 -21.16
C PRO B 46 5.25 -10.19 -21.33
N ASP B 47 4.47 -11.26 -21.31
CA ASP B 47 3.03 -11.10 -21.57
C ASP B 47 2.31 -10.64 -20.32
N GLN B 48 3.11 -10.43 -19.28
CA GLN B 48 2.61 -10.21 -17.95
C GLN B 48 3.08 -8.81 -17.60
N GLN B 49 3.66 -8.17 -18.61
CA GLN B 49 4.17 -6.81 -18.52
C GLN B 49 3.27 -5.83 -19.22
N VAL B 50 3.07 -4.69 -18.56
CA VAL B 50 2.44 -3.54 -19.15
C VAL B 50 3.44 -2.42 -19.06
N LEU B 51 3.83 -1.87 -20.18
CA LEU B 51 4.68 -0.70 -20.16
C LEU B 51 3.88 0.50 -20.59
N ILE B 52 4.15 1.62 -19.95
CA ILE B 52 3.45 2.86 -20.24
C ILE B 52 4.47 3.96 -20.39
N PHE B 53 4.28 4.81 -21.38
CA PHE B 53 5.09 6.01 -21.52
C PHE B 53 4.16 7.17 -21.86
N ALA B 54 4.28 8.24 -21.08
CA ALA B 54 3.53 9.46 -21.31
C ALA B 54 2.02 9.24 -21.45
N GLY B 55 1.48 8.34 -20.64
CA GLY B 55 0.04 8.09 -20.63
C GLY B 55 -0.40 7.10 -21.68
N ASN B 56 0.56 6.50 -22.39
CA ASN B 56 0.23 5.55 -23.45
C ASN B 56 0.73 4.14 -23.16
N ARG B 57 -0.16 3.15 -23.29
CA ARG B 57 0.23 1.74 -23.26
C ARG B 57 1.04 1.50 -24.53
N LEU B 58 2.07 0.66 -24.42
CA LEU B 58 2.99 0.43 -25.53
C LEU B 58 2.75 -0.94 -26.12
N GLU B 59 2.48 -1.01 -27.41
CA GLU B 59 2.24 -2.29 -28.07
C GLU B 59 3.54 -3.03 -28.36
N ASP B 60 3.54 -4.34 -28.14
CA ASP B 60 4.75 -5.16 -28.26
C ASP B 60 5.40 -5.06 -29.64
N GLY B 61 4.58 -4.91 -30.67
CA GLY B 61 5.03 -4.87 -32.04
C GLY B 61 5.76 -3.60 -32.44
N ARG B 62 5.37 -2.47 -31.86
CA ARG B 62 6.00 -1.21 -32.23
C ARG B 62 7.34 -1.06 -31.54
N THR B 63 8.05 0.02 -31.86
CA THR B 63 9.40 0.19 -31.37
C THR B 63 9.53 1.45 -30.53
N LEU B 64 10.65 1.57 -29.84
CA LEU B 64 10.92 2.75 -29.05
C LEU B 64 10.90 3.98 -29.92
N SER B 65 11.50 3.86 -31.11
CA SER B 65 11.56 4.96 -32.05
C SER B 65 10.17 5.40 -32.46
N ASP B 66 9.30 4.42 -32.70
CA ASP B 66 7.89 4.68 -33.05
C ASP B 66 7.15 5.56 -32.06
N TYR B 67 7.54 5.47 -30.79
CA TYR B 67 6.85 6.20 -29.74
C TYR B 67 7.60 7.46 -29.37
N ASN B 68 8.66 7.74 -30.10
CA ASN B 68 9.46 8.94 -29.88
C ASN B 68 10.06 9.00 -28.48
N ILE B 69 10.63 7.88 -28.05
CA ILE B 69 11.18 7.77 -26.71
C ILE B 69 12.66 8.08 -26.73
N PRO B 70 13.03 9.28 -26.26
CA PRO B 70 14.41 9.73 -26.38
C PRO B 70 15.35 9.05 -25.42
N LYS B 71 16.57 9.50 -25.43
CA LYS B 71 17.56 8.93 -24.58
C LYS B 71 17.30 9.28 -23.13
N GLU B 72 17.57 8.35 -22.25
CA GLU B 72 17.42 8.52 -20.80
C GLU B 72 15.98 8.73 -20.37
N SER B 73 15.06 8.01 -21.00
CA SER B 73 13.66 8.16 -20.70
C SER B 73 13.23 7.20 -19.61
N THR B 74 12.10 7.51 -18.97
CA THR B 74 11.56 6.60 -17.97
C THR B 74 10.26 6.02 -18.48
N LEU B 75 10.19 4.70 -18.52
CA LEU B 75 8.95 4.00 -18.78
C LEU B 75 8.37 3.53 -17.46
N TYR B 76 7.07 3.27 -17.43
CA TYR B 76 6.42 2.80 -16.24
C TYR B 76 5.92 1.40 -16.43
N LEU B 77 6.34 0.49 -15.56
CA LEU B 77 5.93 -0.91 -15.64
C LEU B 77 4.89 -1.36 -14.60
N PHE B 78 4.01 -2.25 -15.04
CA PHE B 78 2.94 -2.76 -14.22
C PHE B 78 2.75 -4.20 -14.61
N MET B 79 2.20 -4.99 -13.71
CA MET B 79 1.82 -6.35 -14.03
C MET B 79 0.38 -6.39 -14.52
N ARG B 80 0.14 -7.26 -15.48
CA ARG B 80 -1.15 -7.40 -16.09
C ARG B 80 -2.13 -8.20 -15.25
N LEU B 81 -3.39 -7.80 -15.30
CA LEU B 81 -4.49 -8.60 -14.78
C LEU B 81 -5.30 -9.13 -15.96
N ARG B 82 -5.67 -10.40 -15.96
CA ARG B 82 -6.29 -10.97 -17.18
C ARG B 82 -7.82 -10.98 -17.25
N GLY B 83 -8.47 -10.83 -16.11
CA GLY B 83 -9.90 -10.74 -16.08
C GLY B 83 -10.56 -12.10 -16.19
N LEU B 84 -11.89 -12.09 -16.37
CA LEU B 84 -12.67 -13.27 -16.73
C LEU B 84 -12.73 -13.39 -18.26
N GLU B 85 -12.35 -14.53 -18.83
CA GLU B 85 -12.08 -14.61 -20.26
C GLU B 85 -13.10 -15.49 -20.95
#